data_6ELR
#
_entry.id   6ELR
#
_cell.length_a   42.991
_cell.length_b   174.093
_cell.length_c   44.968
_cell.angle_alpha   90.00
_cell.angle_beta   94.37
_cell.angle_gamma   90.00
#
_symmetry.space_group_name_H-M   'P 1 21 1'
#
loop_
_entity.id
_entity.type
_entity.pdbx_description
1 polymer 'Tyrosine-Protein Kinase JAK1'
2 non-polymer [3-[[5-methyl-2-[[3-(4-methylpiperazin-1-yl)-5-methylsulfonyl-phenyl]amino]pyrimidin-4-yl]amino]phenyl]methanol
3 non-polymer 'SODIUM ION'
4 water water
#
_entity_poly.entity_id   1
_entity_poly.type   'polypeptide(L)'
_entity_poly.pdbx_seq_one_letter_code
;DIVSEKKPATEVDPTHFEKRFLKRIRDLGEGHFGKVELCRYDPEGDNTGEQVAVKSLKPESGGNHIADLKKEIEILRNLY
HENIVKYKGICTEDGGNGIKLIMEFLPSGSLKEYLPKNKNKINLKQQLKYAVQICKGMDYLGSRQYVHRDLAARNVLVES
EHQVKIGDFGLTKAIETDKE(PTR)(PTR)TVKDDRDSPVFWYAPECLMQSKFYIASDVWSFGVTLHELLTYCDSDSSPM
ALFLKMIGPTHGQMTVTRLVNTLKEGKRLPCPPNCPDEVYQLMRKCWEFQPSNRTSFQNLIEGFEALLK
;
_entity_poly.pdbx_strand_id   A,B
#
loop_
_chem_comp.id
_chem_comp.type
_chem_comp.name
_chem_comp.formula
BFK non-polymer [3-[[5-methyl-2-[[3-(4-methylpiperazin-1-yl)-5-methylsulfonyl-phenyl]amino]pyrimidin-4-yl]amino]phenyl]methanol 'C24 H30 N6 O3 S'
NA non-polymer 'SODIUM ION' 'Na 1'
#
# COMPACT_ATOMS: atom_id res chain seq x y z
N ASP A 1 25.20 65.06 19.98
CA ASP A 1 25.28 64.14 18.85
C ASP A 1 24.33 62.96 19.00
N ILE A 2 23.85 62.42 17.87
CA ILE A 2 22.96 61.25 17.84
C ILE A 2 23.81 60.05 18.25
N VAL A 3 23.29 59.21 19.16
CA VAL A 3 24.02 58.01 19.55
C VAL A 3 23.69 56.88 18.61
N SER A 4 24.73 56.14 18.21
CA SER A 4 24.64 54.99 17.32
C SER A 4 25.43 53.85 17.95
N GLU A 5 25.29 52.66 17.41
CA GLU A 5 25.96 51.47 17.88
C GLU A 5 27.35 51.33 17.27
N LYS A 6 28.35 50.97 18.10
CA LYS A 6 29.73 50.69 17.70
C LYS A 6 29.65 49.45 16.81
N LYS A 7 30.27 49.49 15.63
CA LYS A 7 30.23 48.37 14.69
C LYS A 7 31.22 47.27 15.12
N PRO A 8 30.75 46.06 15.50
CA PRO A 8 31.70 44.98 15.85
C PRO A 8 32.39 44.47 14.59
N ALA A 9 33.71 44.13 14.69
CA ALA A 9 34.52 43.65 13.56
C ALA A 9 33.85 42.47 12.84
N THR A 10 33.54 42.67 11.54
CA THR A 10 32.86 41.68 10.70
C THR A 10 33.78 40.51 10.33
N GLU A 11 33.26 39.28 10.48
CA GLU A 11 33.96 38.04 10.15
C GLU A 11 33.12 37.25 9.15
N VAL A 12 33.77 36.63 8.16
CA VAL A 12 33.03 35.88 7.13
C VAL A 12 33.01 34.40 7.42
N ASP A 13 31.81 33.80 7.41
CA ASP A 13 31.66 32.36 7.62
C ASP A 13 31.63 31.70 6.22
N PRO A 14 32.64 30.86 5.89
CA PRO A 14 32.68 30.24 4.55
C PRO A 14 31.57 29.22 4.29
N THR A 15 30.82 28.87 5.35
CA THR A 15 29.68 27.94 5.23
C THR A 15 28.37 28.71 5.14
N HIS A 16 28.42 30.06 5.14
N HIS A 16 28.44 30.04 5.12
CA HIS A 16 27.23 30.92 5.03
CA HIS A 16 27.25 30.86 4.97
C HIS A 16 27.12 31.46 3.59
C HIS A 16 27.17 31.36 3.53
N PHE A 17 26.11 30.99 2.83
CA PHE A 17 25.86 31.35 1.42
C PHE A 17 24.73 32.37 1.36
N GLU A 18 25.04 33.59 0.87
CA GLU A 18 24.05 34.66 0.77
C GLU A 18 23.07 34.38 -0.37
N LYS A 19 21.76 34.49 -0.11
CA LYS A 19 20.70 34.28 -1.10
C LYS A 19 20.94 35.06 -2.41
N ARG A 20 21.33 36.34 -2.30
CA ARG A 20 21.55 37.22 -3.46
C ARG A 20 22.62 36.75 -4.43
N PHE A 21 23.59 35.95 -3.99
CA PHE A 21 24.65 35.44 -4.88
C PHE A 21 24.44 33.99 -5.34
N LEU A 22 23.42 33.30 -4.77
CA LEU A 22 23.12 31.91 -5.10
C LEU A 22 22.13 31.87 -6.28
N LYS A 23 22.68 31.72 -7.50
CA LYS A 23 21.96 31.81 -8.77
C LYS A 23 21.65 30.44 -9.40
N ARG A 24 20.35 30.18 -9.58
CA ARG A 24 19.83 28.94 -10.14
C ARG A 24 20.21 28.73 -11.61
N ILE A 25 20.67 27.51 -11.93
CA ILE A 25 20.97 27.11 -13.31
C ILE A 25 19.83 26.19 -13.80
N ARG A 26 19.61 25.04 -13.10
CA ARG A 26 18.58 24.06 -13.50
C ARG A 26 18.26 23.08 -12.37
N ASP A 27 17.12 22.39 -12.47
CA ASP A 27 16.75 21.37 -11.49
C ASP A 27 17.54 20.10 -11.78
N LEU A 28 17.97 19.39 -10.73
CA LEU A 28 18.69 18.13 -10.90
C LEU A 28 17.75 16.98 -10.67
N GLY A 29 16.90 17.09 -9.65
CA GLY A 29 15.95 16.06 -9.29
C GLY A 29 15.06 16.49 -8.15
N GLU A 30 14.00 15.71 -7.87
CA GLU A 30 13.06 16.03 -6.79
C GLU A 30 13.27 15.12 -5.56
N GLY A 34 10.51 18.51 -1.68
CA GLY A 34 11.96 18.39 -1.72
C GLY A 34 12.51 18.37 -3.14
N LYS A 35 13.59 19.13 -3.39
CA LYS A 35 14.20 19.21 -4.73
C LYS A 35 15.68 19.61 -4.60
N VAL A 36 16.47 19.18 -5.58
CA VAL A 36 17.89 19.51 -5.65
C VAL A 36 18.11 20.28 -6.95
N GLU A 37 18.78 21.43 -6.86
CA GLU A 37 19.05 22.29 -8.01
C GLU A 37 20.54 22.52 -8.18
N LEU A 38 20.96 22.74 -9.42
CA LEU A 38 22.33 23.15 -9.75
C LEU A 38 22.30 24.67 -9.70
N CYS A 39 23.18 25.26 -8.91
CA CYS A 39 23.32 26.71 -8.82
C CYS A 39 24.78 27.09 -9.01
N ARG A 40 25.04 28.37 -9.30
CA ARG A 40 26.38 28.90 -9.25
C ARG A 40 26.41 29.91 -8.09
N TYR A 41 27.31 29.75 -7.10
CA TYR A 41 27.41 30.77 -6.06
C TYR A 41 28.36 31.81 -6.68
N ASP A 42 27.82 32.96 -7.09
CA ASP A 42 28.56 33.96 -7.85
C ASP A 42 28.67 35.33 -7.17
N PRO A 43 29.40 35.47 -6.01
CA PRO A 43 29.48 36.80 -5.37
C PRO A 43 30.16 37.88 -6.19
N GLU A 44 30.97 37.51 -7.19
CA GLU A 44 31.64 38.48 -8.05
C GLU A 44 30.79 38.87 -9.27
N GLY A 45 29.66 38.17 -9.49
CA GLY A 45 28.70 38.46 -10.56
C GLY A 45 29.22 38.39 -11.99
N ASP A 46 30.24 37.57 -12.25
CA ASP A 46 30.84 37.42 -13.58
C ASP A 46 30.84 35.98 -14.11
N ASN A 47 30.01 35.10 -13.52
CA ASN A 47 29.87 33.70 -13.92
C ASN A 47 31.16 32.87 -13.68
N THR A 48 31.96 33.25 -12.66
CA THR A 48 33.19 32.50 -12.34
C THR A 48 33.08 31.72 -11.07
N GLY A 49 32.00 31.97 -10.32
CA GLY A 49 31.74 31.32 -9.05
C GLY A 49 31.65 29.81 -9.13
N GLU A 50 31.73 29.16 -8.00
CA GLU A 50 31.68 27.71 -7.92
C GLU A 50 30.25 27.19 -8.13
N GLN A 51 30.11 26.06 -8.85
CA GLN A 51 28.84 25.36 -9.02
C GLN A 51 28.58 24.56 -7.74
N VAL A 52 27.34 24.58 -7.25
CA VAL A 52 26.95 23.87 -6.04
C VAL A 52 25.60 23.18 -6.26
N ALA A 53 25.35 22.10 -5.50
CA ALA A 53 24.04 21.44 -5.50
C ALA A 53 23.31 22.01 -4.27
N VAL A 54 22.07 22.46 -4.49
CA VAL A 54 21.25 23.11 -3.46
C VAL A 54 19.98 22.29 -3.21
N LYS A 55 19.80 21.83 -1.96
CA LYS A 55 18.62 21.08 -1.57
C LYS A 55 17.70 22.00 -0.80
N SER A 56 16.45 22.08 -1.23
CA SER A 56 15.46 22.94 -0.59
C SER A 56 14.12 22.23 -0.54
N LEU A 57 13.20 22.79 0.24
CA LEU A 57 11.87 22.22 0.35
C LEU A 57 10.95 22.78 -0.70
N LYS A 58 10.01 21.94 -1.18
CA LYS A 58 8.99 22.31 -2.15
C LYS A 58 7.93 23.11 -1.39
N HIS A 65 8.11 19.47 7.42
CA HIS A 65 9.22 18.98 6.60
C HIS A 65 10.50 19.83 6.75
N ILE A 66 10.37 21.08 7.28
CA ILE A 66 11.48 22.00 7.57
C ILE A 66 12.38 21.37 8.63
N ALA A 67 11.76 20.75 9.66
CA ALA A 67 12.45 20.05 10.75
C ALA A 67 13.31 18.91 10.18
N ASP A 68 12.76 18.09 9.25
CA ASP A 68 13.49 16.99 8.60
C ASP A 68 14.69 17.51 7.80
N LEU A 69 14.53 18.64 7.07
CA LEU A 69 15.66 19.19 6.32
C LEU A 69 16.78 19.66 7.29
N LYS A 70 16.40 20.32 8.40
CA LYS A 70 17.34 20.81 9.41
C LYS A 70 18.14 19.66 10.04
N LYS A 71 17.47 18.51 10.31
CA LYS A 71 18.12 17.29 10.85
C LYS A 71 19.10 16.71 9.81
N GLU A 72 18.70 16.67 8.53
CA GLU A 72 19.55 16.21 7.45
C GLU A 72 20.83 17.07 7.33
N ILE A 73 20.66 18.40 7.40
CA ILE A 73 21.79 19.35 7.33
C ILE A 73 22.76 19.06 8.49
N GLU A 74 22.22 18.87 9.70
CA GLU A 74 23.06 18.62 10.87
C GLU A 74 23.82 17.29 10.77
N ILE A 75 23.20 16.26 10.16
CA ILE A 75 23.85 14.97 9.95
C ILE A 75 25.02 15.17 8.97
N LEU A 76 24.72 15.71 7.78
CA LEU A 76 25.70 15.84 6.70
C LEU A 76 26.88 16.77 7.05
N ARG A 77 26.62 17.85 7.81
CA ARG A 77 27.63 18.82 8.26
C ARG A 77 28.75 18.11 9.05
N ASN A 78 28.39 17.05 9.79
CA ASN A 78 29.34 16.32 10.63
C ASN A 78 29.84 14.99 10.04
N LEU A 79 29.55 14.69 8.75
CA LEU A 79 30.06 13.48 8.10
C LEU A 79 31.23 13.91 7.21
N TYR A 80 32.39 13.23 7.37
CA TYR A 80 33.59 13.54 6.58
C TYR A 80 34.15 12.23 6.11
N HIS A 81 33.97 11.90 4.83
CA HIS A 81 34.48 10.64 4.27
C HIS A 81 34.61 10.79 2.77
N GLU A 82 35.66 10.15 2.20
CA GLU A 82 35.97 10.15 0.77
C GLU A 82 34.76 9.72 -0.09
N ASN A 83 33.93 8.79 0.42
CA ASN A 83 32.77 8.28 -0.31
C ASN A 83 31.44 8.83 0.20
N ILE A 84 31.47 10.04 0.77
CA ILE A 84 30.27 10.74 1.22
C ILE A 84 30.33 12.14 0.61
N VAL A 85 29.26 12.55 -0.09
CA VAL A 85 29.20 13.87 -0.72
C VAL A 85 29.51 15.00 0.31
N LYS A 86 30.30 16.00 -0.13
CA LYS A 86 30.74 17.05 0.77
C LYS A 86 29.69 18.11 1.04
N TYR A 87 29.47 18.39 2.32
CA TYR A 87 28.65 19.50 2.80
C TYR A 87 29.49 20.77 2.55
N LYS A 88 28.84 21.86 2.08
CA LYS A 88 29.55 23.14 1.89
C LYS A 88 29.00 24.22 2.80
N GLY A 89 27.70 24.18 3.07
CA GLY A 89 27.08 25.15 3.97
C GLY A 89 25.59 25.22 3.88
N ILE A 90 25.07 26.39 4.29
CA ILE A 90 23.63 26.67 4.26
C ILE A 90 23.35 28.06 3.71
N CYS A 91 22.10 28.24 3.25
CA CYS A 91 21.55 29.54 2.86
C CYS A 91 20.28 29.71 3.71
N THR A 92 20.27 30.67 4.65
CA THR A 92 19.12 30.92 5.53
C THR A 92 18.32 32.14 5.08
N GLU A 93 16.97 32.02 5.11
CA GLU A 93 15.96 33.01 4.72
C GLU A 93 16.34 34.48 4.99
N ASN A 97 12.86 31.39 8.95
CA ASN A 97 12.51 29.99 9.18
C ASN A 97 13.02 29.06 8.06
N GLY A 98 13.13 29.60 6.84
CA GLY A 98 13.57 28.86 5.67
C GLY A 98 15.07 28.55 5.68
N ILE A 99 15.46 27.44 5.04
CA ILE A 99 16.84 26.99 4.94
C ILE A 99 17.08 26.15 3.68
N LYS A 100 18.29 26.27 3.11
CA LYS A 100 18.73 25.48 1.95
C LYS A 100 20.04 24.82 2.30
N LEU A 101 20.22 23.57 1.90
CA LEU A 101 21.46 22.82 2.14
C LEU A 101 22.33 22.95 0.88
N ILE A 102 23.57 23.41 1.05
CA ILE A 102 24.52 23.63 -0.04
C ILE A 102 25.58 22.51 0.01
N MET A 103 25.73 21.80 -1.10
CA MET A 103 26.68 20.70 -1.21
C MET A 103 27.55 20.85 -2.44
N GLU A 104 28.66 20.10 -2.49
CA GLU A 104 29.45 20.09 -3.72
C GLU A 104 28.58 19.53 -4.88
N PHE A 105 28.87 19.97 -6.11
CA PHE A 105 28.15 19.45 -7.28
C PHE A 105 28.94 18.38 -8.03
N LEU A 106 28.32 17.23 -8.34
CA LEU A 106 29.03 16.17 -9.10
C LEU A 106 28.40 16.10 -10.50
N PRO A 107 29.08 16.68 -11.53
CA PRO A 107 28.47 16.76 -12.88
C PRO A 107 28.08 15.44 -13.56
N SER A 108 28.69 14.30 -13.21
CA SER A 108 28.34 13.00 -13.80
C SER A 108 26.99 12.43 -13.33
N GLY A 109 26.38 13.03 -12.31
CA GLY A 109 25.09 12.57 -11.79
C GLY A 109 25.23 11.30 -10.96
N SER A 110 24.14 10.52 -10.93
CA SER A 110 24.14 9.28 -10.17
C SER A 110 24.48 8.08 -11.07
N LEU A 111 24.61 6.87 -10.47
CA LEU A 111 24.84 5.64 -11.26
C LEU A 111 23.69 5.41 -12.23
N LYS A 112 22.49 5.89 -11.87
CA LYS A 112 21.29 5.77 -12.71
C LYS A 112 21.49 6.43 -14.09
N GLU A 113 22.17 7.58 -14.15
CA GLU A 113 22.41 8.30 -15.42
C GLU A 113 23.74 7.90 -16.03
N TYR A 114 24.76 7.69 -15.18
CA TYR A 114 26.12 7.43 -15.60
C TYR A 114 26.35 6.04 -16.17
N LEU A 115 25.90 4.99 -15.47
CA LEU A 115 26.14 3.61 -15.93
C LEU A 115 25.60 3.31 -17.36
N PRO A 116 24.35 3.69 -17.73
CA PRO A 116 23.86 3.38 -19.08
C PRO A 116 24.68 4.00 -20.21
N LYS A 117 25.33 5.15 -19.93
CA LYS A 117 26.12 5.93 -20.86
C LYS A 117 27.59 5.54 -20.90
N ASN A 118 28.04 4.75 -19.93
CA ASN A 118 29.48 4.45 -19.81
C ASN A 118 29.81 2.97 -19.67
N LYS A 119 28.93 2.08 -20.15
CA LYS A 119 29.15 0.63 -20.09
C LYS A 119 30.52 0.24 -20.64
N ASN A 120 30.92 0.85 -21.77
CA ASN A 120 32.20 0.52 -22.42
C ASN A 120 33.44 0.83 -21.55
N LYS A 121 33.33 1.83 -20.70
CA LYS A 121 34.36 2.32 -19.78
C LYS A 121 34.37 1.53 -18.47
N ILE A 122 33.19 1.11 -17.99
CA ILE A 122 33.03 0.49 -16.67
C ILE A 122 32.88 -1.03 -16.78
N ASN A 123 33.98 -1.74 -16.54
CA ASN A 123 33.99 -3.20 -16.58
C ASN A 123 33.73 -3.78 -15.18
N LEU A 124 33.75 -5.12 -15.04
CA LEU A 124 33.51 -5.78 -13.74
C LEU A 124 34.47 -5.30 -12.65
N LYS A 125 35.77 -5.21 -12.96
CA LYS A 125 36.77 -4.71 -12.00
C LYS A 125 36.34 -3.32 -11.45
N GLN A 126 35.90 -2.40 -12.35
CA GLN A 126 35.46 -1.07 -11.90
C GLN A 126 34.17 -1.14 -11.08
N GLN A 127 33.23 -2.02 -11.46
CA GLN A 127 31.97 -2.18 -10.72
C GLN A 127 32.26 -2.68 -9.28
N LEU A 128 33.22 -3.62 -9.13
CA LEU A 128 33.59 -4.13 -7.79
C LEU A 128 34.26 -3.04 -6.95
N LYS A 129 35.08 -2.17 -7.60
CA LYS A 129 35.71 -1.05 -6.90
C LYS A 129 34.65 -0.06 -6.44
N TYR A 130 33.61 0.23 -7.27
CA TYR A 130 32.50 1.09 -6.82
C TYR A 130 31.78 0.43 -5.65
N ALA A 131 31.55 -0.90 -5.73
CA ALA A 131 30.88 -1.65 -4.66
C ALA A 131 31.65 -1.46 -3.31
N VAL A 132 32.98 -1.59 -3.34
CA VAL A 132 33.85 -1.39 -2.16
C VAL A 132 33.66 0.03 -1.57
N GLN A 133 33.68 1.04 -2.44
CA GLN A 133 33.52 2.45 -2.02
C GLN A 133 32.16 2.71 -1.39
N ILE A 134 31.07 2.14 -1.98
CA ILE A 134 29.72 2.26 -1.38
C ILE A 134 29.74 1.63 0.04
N CYS A 135 30.33 0.44 0.17
CA CYS A 135 30.45 -0.23 1.46
C CYS A 135 31.26 0.58 2.48
N LYS A 136 32.35 1.24 2.03
CA LYS A 136 33.20 2.05 2.93
C LYS A 136 32.44 3.27 3.44
N GLY A 137 31.66 3.91 2.56
CA GLY A 137 30.84 5.05 2.93
C GLY A 137 29.78 4.62 3.93
N MET A 138 29.10 3.49 3.65
CA MET A 138 28.04 2.94 4.50
C MET A 138 28.55 2.48 5.86
N ASP A 139 29.74 1.85 5.89
CA ASP A 139 30.36 1.40 7.14
C ASP A 139 30.72 2.61 8.03
N TYR A 140 31.16 3.70 7.41
CA TYR A 140 31.46 4.93 8.13
C TYR A 140 30.16 5.49 8.75
N LEU A 141 29.05 5.50 7.97
CA LEU A 141 27.72 5.97 8.43
C LEU A 141 27.24 5.14 9.61
N GLY A 142 27.40 3.80 9.53
CA GLY A 142 27.04 2.88 10.60
C GLY A 142 27.88 3.07 11.85
N SER A 143 29.18 3.46 11.69
CA SER A 143 30.11 3.71 12.80
C SER A 143 29.71 4.98 13.58
N ARG A 144 28.96 5.90 12.92
CA ARG A 144 28.43 7.13 13.51
C ARG A 144 27.00 6.91 14.07
N GLN A 145 26.55 5.64 14.05
CA GLN A 145 25.25 5.14 14.52
C GLN A 145 24.07 5.69 13.71
N TYR A 146 24.21 5.71 12.37
CA TYR A 146 23.12 6.13 11.49
C TYR A 146 22.65 4.98 10.59
N VAL A 147 21.36 4.97 10.27
CA VAL A 147 20.76 4.08 9.28
C VAL A 147 20.36 5.00 8.12
N HIS A 148 20.79 4.68 6.90
CA HIS A 148 20.55 5.50 5.72
C HIS A 148 19.09 5.44 5.25
N ARG A 149 18.53 4.22 5.14
CA ARG A 149 17.13 3.92 4.77
C ARG A 149 16.78 4.20 3.29
N ASP A 150 17.73 4.65 2.47
CA ASP A 150 17.41 4.97 1.08
C ASP A 150 18.58 4.61 0.16
N LEU A 151 19.32 3.54 0.48
CA LEU A 151 20.45 3.18 -0.36
C LEU A 151 19.95 2.53 -1.66
N ALA A 152 20.15 3.26 -2.76
CA ALA A 152 19.73 2.92 -4.11
C ALA A 152 20.74 3.55 -5.06
N ALA A 153 20.84 3.03 -6.30
CA ALA A 153 21.80 3.55 -7.30
C ALA A 153 21.57 5.03 -7.61
N ARG A 154 20.30 5.49 -7.53
CA ARG A 154 19.92 6.88 -7.77
C ARG A 154 20.55 7.82 -6.70
N ASN A 155 20.92 7.29 -5.51
CA ASN A 155 21.53 8.08 -4.45
C ASN A 155 23.07 7.95 -4.38
N VAL A 156 23.68 7.19 -5.34
CA VAL A 156 25.12 7.00 -5.43
C VAL A 156 25.61 7.86 -6.59
N LEU A 157 26.35 8.90 -6.26
CA LEU A 157 26.87 9.89 -7.19
C LEU A 157 28.23 9.53 -7.70
N VAL A 158 28.49 9.88 -8.96
CA VAL A 158 29.75 9.57 -9.63
C VAL A 158 30.64 10.80 -9.57
N GLU A 159 31.74 10.71 -8.81
CA GLU A 159 32.73 11.77 -8.70
C GLU A 159 33.62 11.74 -9.97
N SER A 160 33.99 10.53 -10.41
CA SER A 160 34.82 10.28 -11.59
C SER A 160 34.63 8.82 -12.00
N GLU A 161 35.30 8.42 -13.09
CA GLU A 161 35.30 7.03 -13.52
C GLU A 161 35.82 6.12 -12.37
N HIS A 162 36.65 6.68 -11.47
CA HIS A 162 37.30 5.92 -10.41
C HIS A 162 36.69 6.07 -9.01
N GLN A 163 35.68 6.94 -8.84
CA GLN A 163 35.13 7.20 -7.50
C GLN A 163 33.66 7.53 -7.47
N VAL A 164 32.94 6.92 -6.52
CA VAL A 164 31.54 7.19 -6.27
C VAL A 164 31.40 7.74 -4.84
N LYS A 165 30.29 8.42 -4.54
CA LYS A 165 29.99 8.93 -3.20
C LYS A 165 28.50 8.75 -2.92
N ILE A 166 28.17 8.46 -1.66
CA ILE A 166 26.76 8.43 -1.22
C ILE A 166 26.34 9.90 -1.21
N GLY A 167 25.33 10.25 -2.02
CA GLY A 167 24.97 11.63 -2.30
C GLY A 167 23.71 12.25 -1.77
N ASP A 168 22.94 11.54 -0.93
CA ASP A 168 21.70 12.08 -0.37
C ASP A 168 21.44 11.40 0.95
N PHE A 169 20.97 12.17 1.93
CA PHE A 169 20.75 11.70 3.32
C PHE A 169 19.37 12.09 3.85
N GLY A 170 18.43 12.26 2.94
CA GLY A 170 17.05 12.68 3.20
C GLY A 170 16.24 11.82 4.15
N LEU A 171 16.52 10.50 4.20
CA LEU A 171 15.81 9.56 5.09
C LEU A 171 16.67 9.04 6.25
N THR A 172 17.92 9.53 6.36
CA THR A 172 18.88 9.10 7.36
C THR A 172 18.39 9.39 8.79
N LYS A 173 18.46 8.36 9.64
CA LYS A 173 18.03 8.42 11.04
C LYS A 173 19.12 7.88 11.97
N ALA A 174 19.17 8.42 13.19
CA ALA A 174 20.12 7.98 14.20
C ALA A 174 19.55 6.75 14.93
N ILE A 175 20.39 5.74 15.25
CA ILE A 175 19.97 4.59 16.07
C ILE A 175 20.41 4.93 17.52
N GLU A 176 19.48 4.85 18.49
CA GLU A 176 19.77 5.15 19.90
C GLU A 176 20.89 4.23 20.45
N THR A 177 21.75 4.77 21.33
CA THR A 177 22.85 4.05 21.97
C THR A 177 22.26 2.85 22.72
N ASP A 178 22.90 1.65 22.56
CA ASP A 178 22.53 0.36 23.14
C ASP A 178 21.29 -0.27 22.47
N LYS A 179 20.76 0.35 21.40
CA LYS A 179 19.61 -0.16 20.63
C LYS A 179 20.08 -0.71 19.28
N GLU A 180 19.27 -1.57 18.66
CA GLU A 180 19.65 -2.20 17.40
C GLU A 180 18.98 -1.60 16.17
N PTR A 181 17.87 -0.88 16.35
CA PTR A 181 17.12 -0.33 15.22
C PTR A 181 16.36 0.94 15.52
O PTR A 181 16.11 1.27 16.69
CB PTR A 181 16.05 -1.37 14.77
CG PTR A 181 15.00 -1.77 15.82
CD1 PTR A 181 15.24 -2.87 16.67
CD2 PTR A 181 13.76 -1.06 15.92
CE1 PTR A 181 14.28 -3.25 17.64
CE2 PTR A 181 12.81 -1.42 16.88
CZ PTR A 181 13.05 -2.51 17.76
OH PTR A 181 11.97 -2.77 18.63
P PTR A 181 12.19 -3.46 19.99
O1P PTR A 181 10.86 -3.39 20.73
O2P PTR A 181 13.22 -2.66 20.78
O3P PTR A 181 12.60 -4.91 19.78
N PTR A 182 15.91 1.62 14.45
CA PTR A 182 15.08 2.82 14.52
C PTR A 182 13.69 2.46 13.97
O PTR A 182 13.60 1.84 12.90
CB PTR A 182 15.77 3.99 13.72
CG PTR A 182 14.85 5.18 13.63
CD1 PTR A 182 14.01 5.31 12.50
CD2 PTR A 182 14.82 6.12 14.66
CE1 PTR A 182 13.14 6.39 12.43
CE2 PTR A 182 13.94 7.21 14.58
CZ PTR A 182 13.09 7.37 13.44
OH PTR A 182 12.17 8.38 13.19
P PTR A 182 12.02 9.64 14.11
O1P PTR A 182 10.83 10.40 13.52
O2P PTR A 182 11.65 9.23 15.52
O3P PTR A 182 13.30 10.45 14.08
N THR A 183 12.62 2.84 14.70
CA THR A 183 11.24 2.62 14.29
C THR A 183 10.71 3.80 13.49
N VAL A 184 10.24 3.55 12.26
CA VAL A 184 9.71 4.62 11.40
C VAL A 184 8.20 4.78 11.55
N LYS A 185 7.74 6.05 11.47
CA LYS A 185 6.34 6.47 11.57
C LYS A 185 5.83 6.93 10.19
N ASP A 186 6.53 7.88 9.54
CA ASP A 186 6.16 8.37 8.20
C ASP A 186 6.81 7.45 7.16
N ASP A 187 6.00 6.61 6.49
CA ASP A 187 6.47 5.58 5.53
C ASP A 187 5.77 5.57 4.15
N ARG A 188 4.90 6.56 3.88
CA ARG A 188 4.10 6.68 2.65
C ARG A 188 4.92 6.62 1.34
N ASP A 189 6.10 7.25 1.31
CA ASP A 189 6.97 7.27 0.13
C ASP A 189 8.17 6.29 0.23
N SER A 190 7.98 5.15 0.94
CA SER A 190 9.02 4.13 1.14
C SER A 190 9.47 3.43 -0.16
N PRO A 191 10.81 3.32 -0.41
CA PRO A 191 11.29 2.57 -1.59
C PRO A 191 11.23 1.07 -1.29
N VAL A 192 10.00 0.54 -1.26
CA VAL A 192 9.68 -0.84 -0.87
C VAL A 192 10.51 -1.94 -1.61
N PHE A 193 10.89 -1.74 -2.88
CA PHE A 193 11.64 -2.76 -3.63
C PHE A 193 13.14 -2.85 -3.23
N TRP A 194 13.60 -1.92 -2.37
CA TRP A 194 14.96 -1.89 -1.83
C TRP A 194 14.94 -2.25 -0.33
N TYR A 195 13.74 -2.53 0.23
CA TYR A 195 13.56 -2.77 1.67
C TYR A 195 13.58 -4.22 2.12
N ALA A 196 14.26 -4.43 3.25
CA ALA A 196 14.38 -5.71 3.93
C ALA A 196 13.00 -6.08 4.54
N PRO A 197 12.72 -7.38 4.78
CA PRO A 197 11.41 -7.78 5.34
C PRO A 197 11.00 -7.09 6.67
N GLU A 198 11.95 -6.89 7.61
CA GLU A 198 11.66 -6.22 8.89
C GLU A 198 11.19 -4.74 8.71
N CYS A 199 11.64 -4.06 7.63
CA CYS A 199 11.23 -2.69 7.25
C CYS A 199 9.79 -2.69 6.73
N LEU A 200 9.47 -3.65 5.84
CA LEU A 200 8.15 -3.77 5.22
C LEU A 200 7.10 -4.25 6.22
N MET A 201 7.46 -5.19 7.10
CA MET A 201 6.52 -5.78 8.06
C MET A 201 6.35 -5.00 9.36
N GLN A 202 7.44 -4.48 9.96
CA GLN A 202 7.33 -3.79 11.23
C GLN A 202 7.85 -2.35 11.26
N SER A 203 8.37 -1.82 10.12
CA SER A 203 8.92 -0.45 10.02
C SER A 203 10.09 -0.26 11.00
N LYS A 204 10.89 -1.32 11.15
CA LYS A 204 12.09 -1.39 11.99
C LYS A 204 13.30 -1.34 11.07
N PHE A 205 14.23 -0.40 11.34
CA PHE A 205 15.42 -0.17 10.50
C PHE A 205 16.73 -0.43 11.25
N TYR A 206 17.42 -1.51 10.87
CA TYR A 206 18.70 -1.93 11.45
C TYR A 206 19.83 -1.57 10.49
N ILE A 207 21.10 -1.60 10.97
CA ILE A 207 22.27 -1.43 10.09
C ILE A 207 22.20 -2.56 9.04
N ALA A 208 21.76 -3.78 9.47
CA ALA A 208 21.56 -4.94 8.60
C ALA A 208 20.51 -4.67 7.51
N SER A 209 19.56 -3.74 7.76
CA SER A 209 18.55 -3.33 6.78
C SER A 209 19.22 -2.55 5.63
N ASP A 210 20.26 -1.72 5.94
CA ASP A 210 21.04 -1.02 4.89
C ASP A 210 21.88 -2.02 4.11
N VAL A 211 22.32 -3.13 4.77
CA VAL A 211 23.08 -4.19 4.08
C VAL A 211 22.17 -4.81 2.99
N TRP A 212 20.89 -5.06 3.32
CA TRP A 212 19.88 -5.58 2.38
C TRP A 212 19.77 -4.62 1.18
N SER A 213 19.52 -3.32 1.45
CA SER A 213 19.43 -2.28 0.41
C SER A 213 20.69 -2.25 -0.43
N PHE A 214 21.88 -2.48 0.20
CA PHE A 214 23.14 -2.54 -0.56
C PHE A 214 23.14 -3.67 -1.60
N GLY A 215 22.65 -4.84 -1.21
CA GLY A 215 22.54 -5.97 -2.13
C GLY A 215 21.74 -5.62 -3.37
N VAL A 216 20.61 -4.88 -3.16
CA VAL A 216 19.74 -4.42 -4.25
C VAL A 216 20.49 -3.38 -5.12
N THR A 217 21.22 -2.43 -4.48
CA THR A 217 22.00 -1.41 -5.19
C THR A 217 23.10 -2.10 -6.02
N LEU A 218 23.72 -3.15 -5.45
CA LEU A 218 24.76 -3.95 -6.13
C LEU A 218 24.18 -4.60 -7.39
N HIS A 219 22.92 -5.12 -7.31
CA HIS A 219 22.21 -5.68 -8.45
C HIS A 219 22.06 -4.60 -9.53
N GLU A 220 21.62 -3.37 -9.17
CA GLU A 220 21.48 -2.26 -10.12
C GLU A 220 22.83 -1.93 -10.80
N LEU A 221 23.90 -1.87 -10.01
CA LEU A 221 25.23 -1.54 -10.50
C LEU A 221 25.66 -2.59 -11.54
N LEU A 222 25.43 -3.86 -11.22
CA LEU A 222 25.81 -4.96 -12.09
C LEU A 222 24.98 -5.02 -13.37
N THR A 223 23.75 -4.44 -13.37
CA THR A 223 22.89 -4.39 -14.56
C THR A 223 23.07 -3.05 -15.29
N TYR A 224 24.04 -2.20 -14.84
CA TYR A 224 24.29 -0.86 -15.39
C TYR A 224 23.02 0.04 -15.33
N CYS A 225 22.20 -0.15 -14.25
CA CYS A 225 20.95 0.59 -14.03
C CYS A 225 20.00 0.53 -15.24
N ASP A 226 19.91 -0.63 -15.89
CA ASP A 226 19.00 -0.79 -17.02
C ASP A 226 17.57 -0.76 -16.44
N SER A 227 16.72 0.13 -16.97
CA SER A 227 15.35 0.30 -16.49
C SER A 227 14.48 -0.97 -16.60
N ASP A 228 14.74 -1.81 -17.62
CA ASP A 228 14.00 -3.05 -17.80
C ASP A 228 14.43 -4.15 -16.82
N SER A 229 15.60 -3.98 -16.20
CA SER A 229 16.19 -4.91 -15.22
C SER A 229 16.18 -4.28 -13.82
N SER A 230 15.47 -3.16 -13.63
CA SER A 230 15.43 -2.50 -12.33
C SER A 230 14.76 -3.38 -11.27
N PRO A 231 15.16 -3.25 -9.98
CA PRO A 231 14.53 -4.04 -8.91
C PRO A 231 13.00 -3.94 -8.90
N MET A 232 12.44 -2.75 -9.20
CA MET A 232 10.98 -2.58 -9.26
C MET A 232 10.42 -3.42 -10.43
N ALA A 233 10.98 -3.26 -11.64
CA ALA A 233 10.58 -4.00 -12.87
C ALA A 233 10.62 -5.51 -12.65
N LEU A 234 11.69 -6.01 -12.05
CA LEU A 234 11.89 -7.45 -11.79
C LEU A 234 10.96 -7.98 -10.74
N PHE A 235 10.82 -7.27 -9.59
CA PHE A 235 9.88 -7.71 -8.56
C PHE A 235 8.43 -7.69 -9.05
N LEU A 236 8.03 -6.64 -9.80
CA LEU A 236 6.67 -6.53 -10.36
C LEU A 236 6.35 -7.64 -11.36
N LYS A 237 7.38 -8.17 -12.06
CA LYS A 237 7.21 -9.30 -12.97
C LYS A 237 6.95 -10.57 -12.12
N MET A 238 7.73 -10.74 -11.04
CA MET A 238 7.63 -11.86 -10.08
C MET A 238 6.28 -11.91 -9.31
N ILE A 239 5.71 -10.74 -8.93
CA ILE A 239 4.51 -10.69 -8.06
C ILE A 239 3.19 -10.28 -8.77
N GLY A 240 3.30 -9.56 -9.89
CA GLY A 240 2.17 -9.03 -10.65
C GLY A 240 2.19 -7.51 -10.62
N PRO A 241 2.08 -6.83 -11.78
CA PRO A 241 2.14 -5.36 -11.77
C PRO A 241 0.84 -4.59 -11.47
N THR A 242 -0.32 -5.27 -11.44
CA THR A 242 -1.61 -4.59 -11.24
C THR A 242 -2.30 -4.99 -9.90
N HIS A 243 -1.61 -4.83 -8.76
CA HIS A 243 -2.17 -5.19 -7.45
C HIS A 243 -2.40 -3.99 -6.50
N GLY A 244 -2.00 -2.79 -6.91
CA GLY A 244 -2.16 -1.53 -6.17
C GLY A 244 -1.75 -1.60 -4.71
N GLN A 245 -2.74 -1.42 -3.81
CA GLN A 245 -2.62 -1.44 -2.34
C GLN A 245 -2.14 -2.80 -1.76
N MET A 246 -2.29 -3.91 -2.54
CA MET A 246 -1.88 -5.26 -2.15
C MET A 246 -0.43 -5.59 -2.54
N THR A 247 0.28 -4.64 -3.20
CA THR A 247 1.65 -4.86 -3.70
C THR A 247 2.65 -5.28 -2.59
N VAL A 248 2.72 -4.54 -1.46
CA VAL A 248 3.68 -4.79 -0.37
C VAL A 248 3.45 -6.17 0.29
N THR A 249 2.21 -6.55 0.60
CA THR A 249 1.99 -7.87 1.20
C THR A 249 2.40 -8.99 0.23
N ARG A 250 2.18 -8.79 -1.09
CA ARG A 250 2.58 -9.77 -2.13
C ARG A 250 4.11 -9.86 -2.19
N LEU A 251 4.78 -8.73 -1.99
CA LEU A 251 6.24 -8.62 -1.94
C LEU A 251 6.77 -9.37 -0.71
N VAL A 252 6.19 -9.08 0.50
CA VAL A 252 6.52 -9.75 1.77
C VAL A 252 6.38 -11.28 1.62
N ASN A 253 5.28 -11.74 1.01
CA ASN A 253 4.97 -13.14 0.75
C ASN A 253 6.06 -13.82 -0.09
N THR A 254 6.45 -13.15 -1.19
CA THR A 254 7.50 -13.59 -2.10
C THR A 254 8.82 -13.78 -1.36
N LEU A 255 9.24 -12.77 -0.53
CA LEU A 255 10.49 -12.81 0.24
C LEU A 255 10.50 -13.93 1.29
N LYS A 256 9.35 -14.13 1.98
CA LYS A 256 9.16 -15.20 2.97
C LYS A 256 9.39 -16.59 2.33
N GLU A 257 8.97 -16.77 1.06
CA GLU A 257 9.12 -18.00 0.28
C GLU A 257 10.57 -18.29 -0.16
N GLY A 258 11.47 -17.31 0.02
CA GLY A 258 12.87 -17.45 -0.33
C GLY A 258 13.26 -16.94 -1.69
N LYS A 259 12.30 -16.32 -2.41
CA LYS A 259 12.51 -15.74 -3.73
C LYS A 259 13.29 -14.43 -3.64
N ARG A 260 14.33 -14.32 -4.48
CA ARG A 260 15.20 -13.16 -4.53
C ARG A 260 15.40 -12.75 -5.97
N LEU A 261 15.95 -11.54 -6.20
CA LEU A 261 16.27 -11.04 -7.54
C LEU A 261 17.25 -12.00 -8.22
N PRO A 262 17.09 -12.28 -9.54
CA PRO A 262 17.99 -13.26 -10.20
C PRO A 262 19.43 -12.74 -10.38
N CYS A 263 20.34 -13.62 -10.77
CA CYS A 263 21.73 -13.23 -11.04
C CYS A 263 21.79 -12.28 -12.25
N PRO A 264 22.40 -11.09 -12.13
CA PRO A 264 22.49 -10.19 -13.30
C PRO A 264 23.22 -10.88 -14.48
N PRO A 265 22.91 -10.54 -15.74
CA PRO A 265 23.64 -11.15 -16.86
C PRO A 265 25.11 -10.80 -16.79
N ASN A 266 25.96 -11.80 -17.10
CA ASN A 266 27.43 -11.67 -17.09
C ASN A 266 28.03 -11.52 -15.68
N CYS A 267 27.20 -11.61 -14.63
CA CYS A 267 27.71 -11.51 -13.27
C CYS A 267 28.22 -12.88 -12.86
N PRO A 268 29.51 -13.02 -12.45
CA PRO A 268 29.99 -14.34 -12.03
C PRO A 268 29.31 -14.79 -10.75
N ASP A 269 29.14 -16.11 -10.59
CA ASP A 269 28.46 -16.65 -9.41
C ASP A 269 29.05 -16.21 -8.08
N GLU A 270 30.39 -16.09 -7.99
CA GLU A 270 31.07 -15.65 -6.75
C GLU A 270 30.66 -14.22 -6.34
N VAL A 271 30.33 -13.36 -7.31
CA VAL A 271 29.84 -11.99 -6.99
C VAL A 271 28.38 -12.12 -6.51
N TYR A 272 27.56 -12.94 -7.24
CA TYR A 272 26.15 -13.18 -6.90
C TYR A 272 26.00 -13.76 -5.49
N GLN A 273 26.94 -14.62 -5.07
CA GLN A 273 26.91 -15.20 -3.72
C GLN A 273 27.07 -14.15 -2.62
N LEU A 274 27.95 -13.13 -2.85
CA LEU A 274 28.14 -12.02 -1.89
C LEU A 274 26.85 -11.20 -1.78
N MET A 275 26.17 -10.99 -2.92
CA MET A 275 24.90 -10.31 -3.05
C MET A 275 23.79 -11.03 -2.26
N ARG A 276 23.73 -12.37 -2.39
CA ARG A 276 22.74 -13.21 -1.68
C ARG A 276 22.94 -13.19 -0.15
N LYS A 277 24.20 -12.96 0.30
CA LYS A 277 24.49 -12.86 1.74
C LYS A 277 23.87 -11.57 2.35
N CYS A 278 23.56 -10.56 1.51
CA CYS A 278 22.88 -9.33 1.89
C CYS A 278 21.38 -9.58 2.07
N TRP A 279 20.87 -10.67 1.49
CA TRP A 279 19.45 -10.96 1.45
C TRP A 279 18.97 -12.16 2.28
N GLU A 280 19.67 -12.46 3.38
CA GLU A 280 19.21 -13.47 4.33
C GLU A 280 17.94 -12.85 4.97
N PHE A 281 16.86 -13.63 5.09
CA PHE A 281 15.59 -13.14 5.65
C PHE A 281 15.72 -12.43 7.00
N GLN A 282 16.49 -13.02 7.93
CA GLN A 282 16.70 -12.49 9.28
C GLN A 282 17.90 -11.53 9.30
N PRO A 283 17.74 -10.32 9.87
CA PRO A 283 18.86 -9.34 9.89
C PRO A 283 20.17 -9.86 10.50
N SER A 284 20.07 -10.67 11.57
CA SER A 284 21.20 -11.28 12.29
C SER A 284 22.06 -12.23 11.44
N ASN A 285 21.47 -12.81 10.37
CA ASN A 285 22.17 -13.74 9.47
C ASN A 285 22.85 -13.07 8.28
N ARG A 286 22.59 -11.76 8.08
CA ARG A 286 23.17 -11.02 6.95
C ARG A 286 24.65 -10.73 7.15
N THR A 287 25.37 -10.55 6.04
CA THR A 287 26.78 -10.18 6.05
C THR A 287 26.92 -8.75 6.57
N SER A 288 28.12 -8.35 6.96
CA SER A 288 28.39 -6.99 7.41
C SER A 288 29.02 -6.23 6.24
N PHE A 289 29.11 -4.88 6.33
CA PHE A 289 29.77 -4.09 5.29
C PHE A 289 31.26 -4.45 5.23
N GLN A 290 31.89 -4.62 6.41
CA GLN A 290 33.32 -4.98 6.49
C GLN A 290 33.61 -6.31 5.79
N ASN A 291 32.73 -7.33 5.97
CA ASN A 291 32.86 -8.63 5.32
C ASN A 291 32.66 -8.52 3.80
N LEU A 292 31.73 -7.63 3.36
CA LEU A 292 31.53 -7.39 1.92
C LEU A 292 32.80 -6.79 1.32
N ILE A 293 33.42 -5.80 2.02
CA ILE A 293 34.66 -5.13 1.58
C ILE A 293 35.73 -6.21 1.37
N GLU A 294 35.91 -7.08 2.37
CA GLU A 294 36.88 -8.19 2.30
C GLU A 294 36.59 -9.17 1.12
N GLY A 295 35.32 -9.51 0.89
CA GLY A 295 34.88 -10.38 -0.20
C GLY A 295 35.21 -9.80 -1.58
N PHE A 296 34.89 -8.52 -1.78
CA PHE A 296 35.19 -7.83 -3.04
C PHE A 296 36.69 -7.66 -3.24
N GLU A 297 37.43 -7.29 -2.17
CA GLU A 297 38.89 -7.15 -2.23
C GLU A 297 39.58 -8.47 -2.63
N ALA A 298 39.08 -9.63 -2.14
CA ALA A 298 39.57 -10.95 -2.50
C ALA A 298 39.30 -11.26 -4.00
N LEU A 299 38.16 -10.79 -4.54
CA LEU A 299 37.88 -10.99 -5.96
C LEU A 299 38.73 -10.08 -6.86
N LEU A 300 39.09 -8.88 -6.36
CA LEU A 300 39.91 -7.92 -7.10
C LEU A 300 41.40 -8.31 -7.17
N LYS A 301 41.89 -9.09 -6.18
CA LYS A 301 43.27 -9.56 -6.06
C LYS A 301 43.67 -10.46 -7.22
N VAL B 12 -42.90 -16.15 -25.51
CA VAL B 12 -42.20 -15.07 -24.82
C VAL B 12 -41.49 -15.57 -23.57
N ASP B 13 -40.22 -15.19 -23.43
CA ASP B 13 -39.41 -15.55 -22.27
C ASP B 13 -39.53 -14.41 -21.23
N PRO B 14 -40.13 -14.68 -20.04
CA PRO B 14 -40.30 -13.63 -19.04
C PRO B 14 -39.00 -13.13 -18.42
N THR B 15 -37.88 -13.81 -18.72
CA THR B 15 -36.56 -13.41 -18.22
C THR B 15 -35.80 -12.65 -19.31
N HIS B 16 -36.45 -12.42 -20.45
CA HIS B 16 -35.83 -11.69 -21.56
C HIS B 16 -36.39 -10.26 -21.58
N PHE B 17 -35.52 -9.27 -21.37
CA PHE B 17 -35.89 -7.86 -21.32
C PHE B 17 -35.38 -7.20 -22.59
N GLU B 18 -36.31 -6.69 -23.41
CA GLU B 18 -35.94 -6.02 -24.66
C GLU B 18 -35.34 -4.65 -24.37
N LYS B 19 -34.19 -4.33 -24.96
CA LYS B 19 -33.51 -3.04 -24.82
C LYS B 19 -34.46 -1.84 -25.05
N ARG B 20 -35.29 -1.91 -26.10
CA ARG B 20 -36.20 -0.83 -26.48
C ARG B 20 -37.23 -0.44 -25.41
N PHE B 21 -37.58 -1.35 -24.49
CA PHE B 21 -38.56 -1.06 -23.44
C PHE B 21 -37.91 -0.78 -22.07
N LEU B 22 -36.57 -0.90 -21.98
CA LEU B 22 -35.80 -0.72 -20.74
C LEU B 22 -35.31 0.74 -20.63
N LYS B 23 -36.05 1.55 -19.88
CA LYS B 23 -35.78 2.98 -19.79
C LYS B 23 -35.03 3.32 -18.52
N ARG B 24 -33.84 3.93 -18.67
CA ARG B 24 -33.03 4.40 -17.53
C ARG B 24 -33.72 5.56 -16.80
N ILE B 25 -33.76 5.49 -15.47
CA ILE B 25 -34.29 6.56 -14.62
C ILE B 25 -33.09 7.28 -13.99
N ARG B 26 -32.24 6.57 -13.20
CA ARG B 26 -31.11 7.19 -12.50
C ARG B 26 -30.11 6.15 -12.03
N ASP B 27 -28.89 6.59 -11.71
CA ASP B 27 -27.86 5.69 -11.20
C ASP B 27 -28.12 5.41 -9.73
N LEU B 28 -27.87 4.16 -9.30
CA LEU B 28 -28.03 3.79 -7.89
C LEU B 28 -26.67 3.75 -7.23
N GLY B 29 -25.68 3.21 -7.93
CA GLY B 29 -24.31 3.12 -7.45
C GLY B 29 -23.39 2.53 -8.48
N GLU B 30 -22.10 2.48 -8.17
CA GLU B 30 -21.08 1.90 -9.04
C GLU B 30 -19.91 1.32 -8.23
N GLY B 31 -19.38 0.20 -8.73
CA GLY B 31 -18.28 -0.54 -8.12
C GLY B 31 -17.84 -1.75 -8.91
N HIS B 32 -16.52 -2.07 -8.86
CA HIS B 32 -15.87 -3.20 -9.54
C HIS B 32 -16.14 -3.23 -11.07
N PHE B 33 -15.80 -2.11 -11.77
CA PHE B 33 -15.95 -1.92 -13.23
C PHE B 33 -17.43 -1.99 -13.72
N GLY B 34 -18.36 -1.91 -12.76
CA GLY B 34 -19.78 -1.96 -13.01
C GLY B 34 -20.54 -0.76 -12.48
N LYS B 35 -21.83 -0.73 -12.79
CA LYS B 35 -22.75 0.27 -12.28
C LYS B 35 -24.12 -0.34 -12.20
N VAL B 36 -24.93 0.15 -11.25
CA VAL B 36 -26.30 -0.34 -11.06
C VAL B 36 -27.19 0.87 -11.25
N GLU B 37 -28.22 0.71 -12.08
CA GLU B 37 -29.13 1.80 -12.39
C GLU B 37 -30.55 1.37 -12.09
N LEU B 38 -31.40 2.36 -11.78
CA LEU B 38 -32.85 2.17 -11.63
C LEU B 38 -33.40 2.39 -13.05
N CYS B 39 -34.17 1.42 -13.53
CA CYS B 39 -34.83 1.52 -14.85
C CYS B 39 -36.30 1.18 -14.66
N ARG B 40 -37.12 1.53 -15.65
CA ARG B 40 -38.50 1.07 -15.67
C ARG B 40 -38.63 0.20 -16.94
N TYR B 41 -39.06 -1.07 -16.79
CA TYR B 41 -39.29 -1.88 -17.99
C TYR B 41 -40.73 -1.54 -18.41
N ASP B 42 -40.90 -0.76 -19.49
CA ASP B 42 -42.18 -0.23 -19.90
C ASP B 42 -42.64 -0.67 -21.31
N PRO B 43 -42.98 -1.97 -21.55
CA PRO B 43 -43.41 -2.38 -22.90
C PRO B 43 -44.69 -1.72 -23.40
N GLU B 44 -45.54 -1.20 -22.51
CA GLU B 44 -46.77 -0.51 -22.92
C GLU B 44 -46.54 1.00 -23.18
N GLY B 45 -45.35 1.52 -22.84
CA GLY B 45 -44.95 2.91 -23.08
C GLY B 45 -45.78 4.00 -22.41
N ASP B 46 -46.43 3.69 -21.29
CA ASP B 46 -47.27 4.65 -20.55
C ASP B 46 -46.82 4.89 -19.09
N ASN B 47 -45.57 4.49 -18.77
CA ASN B 47 -44.93 4.60 -17.46
C ASN B 47 -45.62 3.76 -16.34
N THR B 48 -46.32 2.68 -16.73
CA THR B 48 -46.98 1.79 -15.76
C THR B 48 -46.14 0.54 -15.49
N GLY B 49 -45.07 0.38 -16.27
CA GLY B 49 -44.14 -0.74 -16.16
C GLY B 49 -43.45 -0.85 -14.82
N GLU B 50 -42.92 -2.03 -14.54
CA GLU B 50 -42.25 -2.32 -13.29
C GLU B 50 -40.85 -1.66 -13.24
N GLN B 51 -40.46 -1.20 -12.05
CA GLN B 51 -39.13 -0.66 -11.79
C GLN B 51 -38.22 -1.86 -11.55
N VAL B 52 -37.01 -1.83 -12.11
CA VAL B 52 -36.01 -2.89 -11.97
C VAL B 52 -34.63 -2.28 -11.73
N ALA B 53 -33.73 -3.03 -11.08
CA ALA B 53 -32.34 -2.59 -10.89
C ALA B 53 -31.57 -3.31 -12.01
N VAL B 54 -30.73 -2.57 -12.69
CA VAL B 54 -30.00 -3.05 -13.85
C VAL B 54 -28.50 -2.89 -13.62
N LYS B 55 -27.77 -4.01 -13.70
CA LYS B 55 -26.32 -3.98 -13.55
C LYS B 55 -25.69 -4.14 -14.91
N SER B 56 -24.77 -3.24 -15.25
CA SER B 56 -24.09 -3.26 -16.53
C SER B 56 -22.63 -2.89 -16.36
N LEU B 57 -21.83 -3.11 -17.39
CA LEU B 57 -20.42 -2.77 -17.32
C LEU B 57 -20.16 -1.34 -17.73
N LYS B 58 -19.17 -0.71 -17.10
CA LYS B 58 -18.75 0.65 -17.45
C LYS B 58 -17.85 0.51 -18.70
N PRO B 59 -18.08 1.27 -19.80
CA PRO B 59 -17.24 1.09 -21.01
C PRO B 59 -15.79 1.54 -20.84
N HIS B 65 -14.21 -7.15 -18.64
CA HIS B 65 -14.89 -7.70 -17.46
C HIS B 65 -16.27 -8.34 -17.78
N ILE B 66 -16.56 -8.55 -19.10
CA ILE B 66 -17.80 -9.13 -19.63
C ILE B 66 -17.95 -10.54 -19.10
N ALA B 67 -16.85 -11.32 -19.07
CA ALA B 67 -16.81 -12.68 -18.55
C ALA B 67 -17.23 -12.71 -17.08
N ASP B 68 -16.70 -11.79 -16.24
CA ASP B 68 -17.06 -11.68 -14.81
C ASP B 68 -18.56 -11.36 -14.62
N LEU B 69 -19.12 -10.47 -15.46
CA LEU B 69 -20.54 -10.16 -15.34
C LEU B 69 -21.40 -11.40 -15.70
N LYS B 70 -21.01 -12.13 -16.75
CA LYS B 70 -21.70 -13.34 -17.20
C LYS B 70 -21.71 -14.42 -16.12
N LYS B 71 -20.58 -14.58 -15.40
CA LYS B 71 -20.45 -15.54 -14.28
C LYS B 71 -21.37 -15.10 -13.11
N GLU B 72 -21.40 -13.79 -12.81
CA GLU B 72 -22.27 -13.25 -11.78
C GLU B 72 -23.78 -13.52 -12.10
N ILE B 73 -24.17 -13.29 -13.35
CA ILE B 73 -25.54 -13.54 -13.81
C ILE B 73 -25.89 -15.02 -13.61
N GLU B 74 -24.98 -15.92 -14.00
CA GLU B 74 -25.20 -17.36 -13.88
C GLU B 74 -25.34 -17.81 -12.41
N ILE B 75 -24.59 -17.16 -11.50
CA ILE B 75 -24.65 -17.45 -10.07
C ILE B 75 -26.03 -17.02 -9.56
N LEU B 76 -26.38 -15.75 -9.75
CA LEU B 76 -27.61 -15.16 -9.22
C LEU B 76 -28.90 -15.81 -9.79
N ARG B 77 -28.90 -16.19 -11.08
CA ARG B 77 -30.02 -16.84 -11.77
C ARG B 77 -30.44 -18.12 -11.02
N ASN B 78 -29.45 -18.82 -10.44
CA ASN B 78 -29.70 -20.08 -9.74
C ASN B 78 -29.75 -19.99 -8.21
N LEU B 79 -29.78 -18.77 -7.62
CA LEU B 79 -29.92 -18.59 -6.18
C LEU B 79 -31.38 -18.18 -5.90
N TYR B 80 -32.06 -18.87 -4.97
CA TYR B 80 -33.46 -18.60 -4.65
C TYR B 80 -33.59 -18.68 -3.16
N HIS B 81 -33.61 -17.51 -2.51
CA HIS B 81 -33.69 -17.44 -1.05
C HIS B 81 -34.34 -16.12 -0.66
N GLU B 82 -35.14 -16.15 0.41
CA GLU B 82 -35.85 -15.00 0.97
C GLU B 82 -34.91 -13.82 1.24
N ASN B 83 -33.65 -14.10 1.63
CA ASN B 83 -32.68 -13.06 1.97
C ASN B 83 -31.61 -12.85 0.89
N ILE B 84 -31.96 -13.18 -0.35
CA ILE B 84 -31.09 -12.97 -1.51
C ILE B 84 -31.91 -12.20 -2.54
N VAL B 85 -31.37 -11.07 -3.03
CA VAL B 85 -32.08 -10.24 -4.02
C VAL B 85 -32.52 -11.08 -5.25
N LYS B 86 -33.75 -10.84 -5.73
CA LYS B 86 -34.27 -11.66 -6.82
C LYS B 86 -33.75 -11.31 -8.17
N TYR B 87 -33.27 -12.33 -8.90
CA TYR B 87 -32.88 -12.25 -10.30
C TYR B 87 -34.23 -12.14 -11.08
N LYS B 88 -34.28 -11.28 -12.10
CA LYS B 88 -35.46 -11.16 -12.97
C LYS B 88 -35.16 -11.59 -14.39
N GLY B 89 -33.96 -11.31 -14.86
CA GLY B 89 -33.56 -11.70 -16.20
C GLY B 89 -32.33 -10.98 -16.74
N ILE B 90 -32.25 -10.95 -18.07
CA ILE B 90 -31.16 -10.30 -18.77
C ILE B 90 -31.66 -9.44 -19.93
N CYS B 91 -30.82 -8.49 -20.34
CA CYS B 91 -31.01 -7.70 -21.55
C CYS B 91 -29.74 -7.90 -22.37
N THR B 92 -29.86 -8.54 -23.54
CA THR B 92 -28.71 -8.83 -24.41
C THR B 92 -28.67 -7.87 -25.61
N GLU B 93 -27.46 -7.39 -25.96
CA GLU B 93 -27.12 -6.45 -27.05
C GLU B 93 -27.96 -6.60 -28.32
N ASN B 97 -22.59 -9.38 -27.95
CA ASN B 97 -21.60 -9.65 -26.90
C ASN B 97 -21.96 -9.01 -25.55
N GLY B 98 -22.64 -7.87 -25.61
CA GLY B 98 -23.05 -7.11 -24.44
C GLY B 98 -24.20 -7.76 -23.68
N ILE B 99 -24.24 -7.53 -22.35
CA ILE B 99 -25.28 -8.09 -21.48
C ILE B 99 -25.52 -7.19 -20.23
N LYS B 100 -26.78 -7.16 -19.77
CA LYS B 100 -27.17 -6.44 -18.56
C LYS B 100 -27.91 -7.41 -17.67
N LEU B 101 -27.66 -7.34 -16.37
CA LEU B 101 -28.34 -8.19 -15.39
C LEU B 101 -29.52 -7.39 -14.82
N ILE B 102 -30.71 -7.97 -14.86
CA ILE B 102 -31.96 -7.32 -14.41
C ILE B 102 -32.37 -7.98 -13.09
N MET B 103 -32.56 -7.16 -12.07
CA MET B 103 -32.95 -7.63 -10.74
C MET B 103 -34.14 -6.87 -10.21
N GLU B 104 -34.79 -7.40 -9.16
CA GLU B 104 -35.86 -6.61 -8.53
C GLU B 104 -35.23 -5.32 -7.95
N PHE B 105 -36.04 -4.25 -7.87
CA PHE B 105 -35.60 -2.99 -7.26
C PHE B 105 -36.10 -2.82 -5.83
N LEU B 106 -35.19 -2.49 -4.89
CA LEU B 106 -35.58 -2.27 -3.49
C LEU B 106 -35.42 -0.78 -3.18
N PRO B 107 -36.56 -0.02 -3.17
CA PRO B 107 -36.49 1.45 -3.01
C PRO B 107 -35.84 1.97 -1.72
N SER B 108 -35.76 1.19 -0.62
CA SER B 108 -35.12 1.65 0.63
C SER B 108 -33.60 1.70 0.57
N GLY B 109 -32.99 1.14 -0.48
CA GLY B 109 -31.55 1.14 -0.64
C GLY B 109 -30.88 0.13 0.26
N SER B 110 -29.63 0.40 0.63
CA SER B 110 -28.87 -0.47 1.51
C SER B 110 -28.96 -0.02 2.96
N LEU B 111 -28.38 -0.82 3.90
CA LEU B 111 -28.30 -0.42 5.32
C LEU B 111 -27.53 0.88 5.48
N LYS B 112 -26.59 1.13 4.56
CA LYS B 112 -25.81 2.37 4.57
C LYS B 112 -26.69 3.63 4.47
N GLU B 113 -27.76 3.59 3.67
CA GLU B 113 -28.65 4.76 3.52
C GLU B 113 -29.82 4.68 4.51
N TYR B 114 -30.33 3.47 4.72
CA TYR B 114 -31.52 3.22 5.52
C TYR B 114 -31.31 3.38 7.03
N LEU B 115 -30.27 2.77 7.61
CA LEU B 115 -30.03 2.84 9.06
C LEU B 115 -29.91 4.28 9.61
N PRO B 116 -29.13 5.19 9.00
CA PRO B 116 -29.00 6.55 9.58
C PRO B 116 -30.33 7.32 9.65
N LYS B 117 -31.26 7.00 8.74
CA LYS B 117 -32.56 7.65 8.59
C LYS B 117 -33.66 6.99 9.41
N ASN B 118 -33.41 5.79 9.95
CA ASN B 118 -34.47 5.04 10.63
C ASN B 118 -34.08 4.51 12.00
N LYS B 119 -33.11 5.16 12.67
CA LYS B 119 -32.66 4.74 14.02
C LYS B 119 -33.83 4.59 14.99
N ASN B 120 -34.79 5.53 14.96
CA ASN B 120 -35.95 5.49 15.86
C ASN B 120 -36.83 4.24 15.71
N LYS B 121 -36.91 3.73 14.49
CA LYS B 121 -37.70 2.57 14.09
C LYS B 121 -36.96 1.27 14.35
N ILE B 122 -35.62 1.26 14.18
CA ILE B 122 -34.79 0.06 14.23
C ILE B 122 -34.08 -0.05 15.58
N ASN B 123 -34.64 -0.84 16.49
CA ASN B 123 -34.06 -1.05 17.82
C ASN B 123 -33.16 -2.29 17.80
N LEU B 124 -32.57 -2.67 18.96
CA LEU B 124 -31.68 -3.85 19.04
C LEU B 124 -32.36 -5.14 18.56
N LYS B 125 -33.61 -5.38 18.99
CA LYS B 125 -34.37 -6.56 18.55
C LYS B 125 -34.42 -6.61 16.99
N GLN B 126 -34.70 -5.46 16.33
CA GLN B 126 -34.75 -5.45 14.85
C GLN B 126 -33.36 -5.66 14.24
N GLN B 127 -32.30 -5.07 14.86
CA GLN B 127 -30.93 -5.27 14.37
C GLN B 127 -30.53 -6.76 14.43
N LEU B 128 -30.90 -7.45 15.53
CA LEU B 128 -30.59 -8.89 15.67
C LEU B 128 -31.36 -9.73 14.64
N LYS B 129 -32.62 -9.32 14.33
CA LYS B 129 -33.40 -10.00 13.29
C LYS B 129 -32.76 -9.79 11.93
N TYR B 130 -32.24 -8.58 11.62
CA TYR B 130 -31.53 -8.35 10.35
C TYR B 130 -30.26 -9.22 10.35
N ALA B 131 -29.54 -9.28 11.49
CA ALA B 131 -28.30 -10.09 11.58
C ALA B 131 -28.62 -11.56 11.23
N VAL B 132 -29.73 -12.13 11.78
CA VAL B 132 -30.17 -13.51 11.48
C VAL B 132 -30.41 -13.69 9.96
N GLN B 133 -31.11 -12.75 9.35
CA GLN B 133 -31.42 -12.80 7.92
C GLN B 133 -30.17 -12.76 7.06
N ILE B 134 -29.21 -11.88 7.40
CA ILE B 134 -27.91 -11.84 6.67
C ILE B 134 -27.22 -13.23 6.79
N CYS B 135 -27.17 -13.79 8.00
CA CYS B 135 -26.60 -15.12 8.23
C CYS B 135 -27.30 -16.21 7.43
N LYS B 136 -28.64 -16.16 7.34
CA LYS B 136 -29.42 -17.16 6.59
C LYS B 136 -29.12 -17.09 5.10
N GLY B 137 -29.01 -15.88 4.57
CA GLY B 137 -28.67 -15.68 3.17
C GLY B 137 -27.25 -16.19 2.89
N MET B 138 -26.30 -15.83 3.77
CA MET B 138 -24.90 -16.25 3.65
C MET B 138 -24.70 -17.77 3.78
N ASP B 139 -25.45 -18.40 4.71
CA ASP B 139 -25.39 -19.84 4.92
C ASP B 139 -25.92 -20.57 3.69
N TYR B 140 -26.94 -20.02 3.04
CA TYR B 140 -27.49 -20.59 1.82
C TYR B 140 -26.42 -20.52 0.70
N LEU B 141 -25.73 -19.36 0.59
CA LEU B 141 -24.64 -19.16 -0.39
C LEU B 141 -23.52 -20.16 -0.18
N GLY B 142 -23.12 -20.36 1.09
CA GLY B 142 -22.10 -21.34 1.45
C GLY B 142 -22.50 -22.78 1.16
N SER B 143 -23.80 -23.11 1.32
CA SER B 143 -24.35 -24.43 1.03
C SER B 143 -24.31 -24.77 -0.48
N ARG B 144 -24.25 -23.73 -1.32
CA ARG B 144 -24.14 -23.82 -2.79
C ARG B 144 -22.66 -23.76 -3.23
N GLN B 145 -21.74 -23.77 -2.23
CA GLN B 145 -20.27 -23.75 -2.35
C GLN B 145 -19.74 -22.44 -2.99
N TYR B 146 -20.28 -21.30 -2.53
CA TYR B 146 -19.79 -20.00 -2.97
C TYR B 146 -19.21 -19.19 -1.81
N VAL B 147 -18.19 -18.37 -2.12
CA VAL B 147 -17.64 -17.36 -1.21
C VAL B 147 -18.03 -16.01 -1.78
N HIS B 148 -18.67 -15.15 -0.95
CA HIS B 148 -19.17 -13.85 -1.39
C HIS B 148 -18.05 -12.84 -1.65
N ARG B 149 -17.10 -12.71 -0.71
CA ARG B 149 -15.91 -11.84 -0.76
C ARG B 149 -16.18 -10.33 -0.65
N ASP B 150 -17.44 -9.92 -0.48
CA ASP B 150 -17.75 -8.48 -0.43
C ASP B 150 -18.87 -8.20 0.55
N LEU B 151 -18.95 -8.97 1.64
CA LEU B 151 -20.04 -8.76 2.60
C LEU B 151 -19.76 -7.50 3.44
N ALA B 152 -20.60 -6.49 3.22
CA ALA B 152 -20.55 -5.19 3.88
C ALA B 152 -21.96 -4.62 3.86
N ALA B 153 -22.24 -3.69 4.79
CA ALA B 153 -23.56 -3.09 4.96
C ALA B 153 -24.08 -2.42 3.68
N ARG B 154 -23.17 -1.88 2.85
CA ARG B 154 -23.52 -1.27 1.56
C ARG B 154 -24.11 -2.31 0.60
N ASN B 155 -23.85 -3.64 0.82
CA ASN B 155 -24.36 -4.72 -0.04
C ASN B 155 -25.57 -5.42 0.53
N VAL B 156 -26.08 -4.95 1.68
CA VAL B 156 -27.26 -5.51 2.32
C VAL B 156 -28.40 -4.52 2.07
N LEU B 157 -29.37 -4.95 1.26
CA LEU B 157 -30.50 -4.17 0.83
C LEU B 157 -31.68 -4.34 1.77
N VAL B 158 -32.45 -3.25 1.94
CA VAL B 158 -33.59 -3.24 2.83
C VAL B 158 -34.84 -3.45 2.00
N GLU B 159 -35.49 -4.63 2.18
CA GLU B 159 -36.75 -4.94 1.50
C GLU B 159 -37.91 -4.17 2.23
N SER B 160 -37.86 -4.14 3.57
CA SER B 160 -38.83 -3.47 4.43
C SER B 160 -38.20 -3.30 5.80
N GLU B 161 -38.93 -2.67 6.72
CA GLU B 161 -38.50 -2.51 8.10
C GLU B 161 -38.21 -3.92 8.71
N HIS B 162 -38.87 -4.97 8.18
CA HIS B 162 -38.74 -6.32 8.74
C HIS B 162 -37.86 -7.29 7.96
N GLN B 163 -37.30 -6.87 6.81
CA GLN B 163 -36.53 -7.80 5.97
C GLN B 163 -35.40 -7.16 5.19
N VAL B 164 -34.23 -7.82 5.20
CA VAL B 164 -33.08 -7.39 4.43
C VAL B 164 -32.73 -8.52 3.43
N LYS B 165 -31.95 -8.20 2.40
CA LYS B 165 -31.48 -9.20 1.42
C LYS B 165 -30.05 -8.85 1.00
N ILE B 166 -29.21 -9.87 0.77
N ILE B 166 -29.22 -9.87 0.75
CA ILE B 166 -27.87 -9.65 0.22
CA ILE B 166 -27.88 -9.71 0.18
C ILE B 166 -28.14 -9.26 -1.24
C ILE B 166 -28.15 -9.26 -1.26
N GLY B 167 -27.68 -8.07 -1.61
CA GLY B 167 -28.04 -7.45 -2.88
C GLY B 167 -27.06 -7.30 -4.00
N ASP B 168 -25.85 -7.86 -3.87
CA ASP B 168 -24.83 -7.77 -4.94
C ASP B 168 -23.91 -8.95 -4.83
N PHE B 169 -23.53 -9.51 -5.98
CA PHE B 169 -22.71 -10.73 -6.05
C PHE B 169 -21.52 -10.58 -7.01
N GLY B 170 -21.08 -9.34 -7.18
CA GLY B 170 -20.00 -8.94 -8.08
C GLY B 170 -18.64 -9.59 -7.87
N LEU B 171 -18.31 -9.98 -6.63
CA LEU B 171 -17.02 -10.63 -6.31
C LEU B 171 -17.18 -12.13 -5.96
N THR B 172 -18.41 -12.66 -6.02
CA THR B 172 -18.75 -14.04 -5.64
C THR B 172 -18.02 -15.05 -6.54
N LYS B 173 -17.37 -16.01 -5.88
CA LYS B 173 -16.59 -17.07 -6.52
C LYS B 173 -16.99 -18.45 -5.99
N ALA B 174 -16.89 -19.47 -6.85
CA ALA B 174 -17.19 -20.85 -6.47
C ALA B 174 -15.95 -21.45 -5.82
N ILE B 175 -16.14 -22.26 -4.77
CA ILE B 175 -15.03 -22.98 -4.16
C ILE B 175 -15.05 -24.35 -4.85
N GLU B 176 -13.88 -24.81 -5.32
CA GLU B 176 -13.76 -26.13 -5.96
C GLU B 176 -14.18 -27.24 -4.98
N THR B 177 -14.77 -28.33 -5.52
CA THR B 177 -15.17 -29.50 -4.72
C THR B 177 -13.88 -30.10 -4.15
N ASP B 178 -13.91 -30.50 -2.85
CA ASP B 178 -12.79 -31.09 -2.07
C ASP B 178 -11.71 -30.04 -1.69
N LYS B 179 -11.99 -28.75 -1.92
CA LYS B 179 -11.11 -27.64 -1.58
C LYS B 179 -11.82 -26.74 -0.57
N GLU B 180 -11.04 -26.07 0.29
CA GLU B 180 -11.55 -25.21 1.36
C GLU B 180 -11.63 -23.72 1.01
N PTR B 181 -10.90 -23.29 -0.01
CA PTR B 181 -10.85 -21.88 -0.38
C PTR B 181 -10.63 -21.61 -1.86
O PTR B 181 -10.19 -22.50 -2.60
CB PTR B 181 -9.65 -21.20 0.35
CG PTR B 181 -8.24 -21.78 0.04
CD1 PTR B 181 -7.74 -22.84 0.82
CD2 PTR B 181 -7.45 -21.24 -1.01
CE1 PTR B 181 -6.46 -23.38 0.53
CE2 PTR B 181 -6.19 -21.78 -1.31
CZ PTR B 181 -5.66 -22.85 -0.54
OH PTR B 181 -4.37 -23.23 -0.90
P PTR B 181 -3.87 -24.66 -0.68
O1P PTR B 181 -4.81 -25.61 -1.44
O2P PTR B 181 -2.47 -24.72 -1.27
O3P PTR B 181 -3.76 -24.98 0.80
N PTR B 182 -10.88 -20.36 -2.26
CA PTR B 182 -10.63 -19.87 -3.61
C PTR B 182 -9.47 -18.86 -3.54
O PTR B 182 -9.48 -17.99 -2.67
CB PTR B 182 -11.96 -19.25 -4.17
CG PTR B 182 -11.69 -18.57 -5.50
CD1 PTR B 182 -11.40 -17.19 -5.51
CD2 PTR B 182 -11.72 -19.32 -6.67
CE1 PTR B 182 -11.12 -16.54 -6.71
CE2 PTR B 182 -11.45 -18.68 -7.90
CZ PTR B 182 -11.14 -17.26 -7.93
OH PTR B 182 -10.85 -16.45 -9.03
P PTR B 182 -10.95 -17.00 -10.50
O1P PTR B 182 -10.45 -15.83 -11.34
O2P PTR B 182 -10.01 -18.17 -10.70
O3P PTR B 182 -12.40 -17.42 -10.81
N THR B 183 -8.49 -18.99 -4.46
CA THR B 183 -7.34 -18.08 -4.53
C THR B 183 -7.64 -16.93 -5.49
N VAL B 184 -7.54 -15.68 -5.00
CA VAL B 184 -7.79 -14.48 -5.80
C VAL B 184 -6.53 -13.97 -6.50
N LYS B 185 -6.70 -13.45 -7.71
CA LYS B 185 -5.64 -12.89 -8.56
C LYS B 185 -5.79 -11.36 -8.65
N ASP B 186 -7.00 -10.87 -9.07
CA ASP B 186 -7.26 -9.43 -9.16
C ASP B 186 -7.76 -8.95 -7.79
N ASP B 187 -6.91 -8.19 -7.07
CA ASP B 187 -7.17 -7.72 -5.69
C ASP B 187 -6.98 -6.20 -5.45
N ARG B 188 -6.70 -5.41 -6.51
CA ARG B 188 -6.45 -3.95 -6.42
C ARG B 188 -7.55 -3.15 -5.71
N ASP B 189 -8.83 -3.50 -5.93
CA ASP B 189 -9.99 -2.83 -5.33
C ASP B 189 -10.60 -3.63 -4.14
N SER B 190 -9.77 -4.36 -3.40
CA SER B 190 -10.19 -5.16 -2.24
C SER B 190 -10.72 -4.30 -1.06
N PRO B 191 -11.91 -4.66 -0.49
CA PRO B 191 -12.40 -3.93 0.71
C PRO B 191 -11.62 -4.45 1.95
N VAL B 192 -10.34 -4.06 2.04
CA VAL B 192 -9.37 -4.50 3.04
C VAL B 192 -9.84 -4.40 4.51
N PHE B 193 -10.67 -3.38 4.86
CA PHE B 193 -11.11 -3.21 6.25
C PHE B 193 -12.24 -4.20 6.66
N TRP B 194 -12.75 -4.99 5.72
CA TRP B 194 -13.75 -6.05 5.92
C TRP B 194 -13.10 -7.43 5.75
N TYR B 195 -11.79 -7.48 5.44
CA TYR B 195 -11.09 -8.73 5.14
C TYR B 195 -10.36 -9.41 6.29
N ALA B 196 -10.49 -10.73 6.31
CA ALA B 196 -9.84 -11.62 7.25
C ALA B 196 -8.32 -11.66 6.97
N PRO B 197 -7.47 -11.99 7.97
CA PRO B 197 -6.01 -12.02 7.73
C PRO B 197 -5.52 -12.89 6.56
N GLU B 198 -6.11 -14.09 6.35
CA GLU B 198 -5.73 -15.00 5.25
C GLU B 198 -5.97 -14.38 3.86
N CYS B 199 -6.95 -13.46 3.76
CA CYS B 199 -7.30 -12.75 2.53
C CYS B 199 -6.27 -11.66 2.25
N LEU B 200 -5.89 -10.89 3.29
CA LEU B 200 -4.91 -9.82 3.19
C LEU B 200 -3.49 -10.34 2.97
N MET B 201 -3.14 -11.45 3.63
CA MET B 201 -1.78 -12.02 3.54
C MET B 201 -1.54 -12.95 2.36
N GLN B 202 -2.48 -13.85 2.04
CA GLN B 202 -2.26 -14.82 0.98
C GLN B 202 -3.30 -14.80 -0.15
N SER B 203 -4.32 -13.93 -0.08
CA SER B 203 -5.37 -13.84 -1.13
C SER B 203 -6.18 -15.17 -1.26
N LYS B 204 -6.28 -15.91 -0.16
CA LYS B 204 -7.06 -17.14 -0.05
C LYS B 204 -8.41 -16.75 0.58
N PHE B 205 -9.53 -17.28 0.03
CA PHE B 205 -10.89 -16.99 0.50
C PHE B 205 -11.70 -18.21 0.88
N TYR B 206 -11.99 -18.33 2.17
CA TYR B 206 -12.75 -19.45 2.76
C TYR B 206 -14.16 -19.01 3.11
N ILE B 207 -15.08 -19.97 3.38
CA ILE B 207 -16.43 -19.64 3.88
C ILE B 207 -16.22 -18.87 5.22
N ALA B 208 -15.20 -19.30 6.00
CA ALA B 208 -14.83 -18.65 7.27
C ALA B 208 -14.39 -17.19 7.06
N SER B 209 -13.87 -16.85 5.85
CA SER B 209 -13.48 -15.48 5.49
C SER B 209 -14.74 -14.60 5.39
N ASP B 210 -15.88 -15.15 4.87
CA ASP B 210 -17.16 -14.42 4.83
C ASP B 210 -17.71 -14.27 6.26
N VAL B 211 -17.42 -15.21 7.16
CA VAL B 211 -17.85 -15.11 8.57
C VAL B 211 -17.16 -13.87 9.19
N TRP B 212 -15.84 -13.69 8.90
CA TRP B 212 -15.08 -12.53 9.37
C TRP B 212 -15.75 -11.23 8.87
N SER B 213 -15.99 -11.13 7.54
CA SER B 213 -16.68 -9.99 6.92
C SER B 213 -18.02 -9.75 7.57
N PHE B 214 -18.75 -10.85 7.93
CA PHE B 214 -20.04 -10.71 8.63
C PHE B 214 -19.90 -9.98 9.97
N GLY B 215 -18.88 -10.33 10.75
CA GLY B 215 -18.61 -9.68 12.03
C GLY B 215 -18.46 -8.18 11.85
N VAL B 216 -17.75 -7.77 10.79
CA VAL B 216 -17.53 -6.35 10.44
C VAL B 216 -18.88 -5.70 10.04
N THR B 217 -19.69 -6.40 9.21
CA THR B 217 -21.00 -5.91 8.77
C THR B 217 -21.93 -5.75 9.99
N LEU B 218 -21.84 -6.70 10.95
CA LEU B 218 -22.61 -6.67 12.20
C LEU B 218 -22.23 -5.41 13.01
N HIS B 219 -20.92 -5.08 13.05
CA HIS B 219 -20.43 -3.87 13.71
C HIS B 219 -21.10 -2.64 13.05
N GLU B 220 -21.10 -2.55 11.70
CA GLU B 220 -21.76 -1.45 10.96
C GLU B 220 -23.25 -1.33 11.30
N LEU B 221 -23.95 -2.48 11.32
CA LEU B 221 -25.38 -2.53 11.61
C LEU B 221 -25.64 -1.96 13.01
N LEU B 222 -24.81 -2.38 13.98
CA LEU B 222 -24.95 -1.97 15.36
C LEU B 222 -24.62 -0.49 15.56
N THR B 223 -23.82 0.13 14.67
CA THR B 223 -23.48 1.55 14.73
C THR B 223 -24.41 2.38 13.80
N TYR B 224 -25.44 1.73 13.22
CA TYR B 224 -26.39 2.35 12.27
C TYR B 224 -25.67 2.98 11.06
N CYS B 225 -24.55 2.33 10.61
CA CYS B 225 -23.73 2.78 9.49
C CYS B 225 -23.26 4.23 9.62
N ASP B 226 -22.94 4.66 10.84
CA ASP B 226 -22.42 6.02 11.08
C ASP B 226 -21.04 6.09 10.44
N SER B 227 -20.84 7.08 9.54
CA SER B 227 -19.57 7.23 8.81
C SER B 227 -18.35 7.46 9.73
N ASP B 228 -18.56 8.12 10.90
CA ASP B 228 -17.48 8.38 11.85
C ASP B 228 -17.10 7.13 12.65
N SER B 229 -17.98 6.11 12.66
CA SER B 229 -17.78 4.85 13.36
C SER B 229 -17.58 3.70 12.35
N SER B 230 -17.39 4.01 11.06
CA SER B 230 -17.21 2.99 10.04
C SER B 230 -15.94 2.17 10.28
N PRO B 231 -15.93 0.87 9.85
CA PRO B 231 -14.71 0.04 10.03
C PRO B 231 -13.46 0.69 9.45
N MET B 232 -13.55 1.41 8.32
CA MET B 232 -12.40 2.11 7.74
C MET B 232 -11.93 3.23 8.69
N ALA B 233 -12.86 4.10 9.12
CA ALA B 233 -12.61 5.22 10.06
C ALA B 233 -11.96 4.75 11.35
N LEU B 234 -12.47 3.66 11.93
CA LEU B 234 -11.96 3.10 13.18
C LEU B 234 -10.61 2.44 13.02
N PHE B 235 -10.44 1.62 11.97
CA PHE B 235 -9.12 1.01 11.73
C PHE B 235 -8.05 2.07 11.40
N LEU B 236 -8.40 3.12 10.61
CA LEU B 236 -7.47 4.21 10.27
C LEU B 236 -7.06 5.04 11.48
N LYS B 237 -7.91 5.09 12.52
CA LYS B 237 -7.58 5.76 13.78
C LYS B 237 -6.56 4.88 14.53
N MET B 238 -6.80 3.55 14.55
CA MET B 238 -5.92 2.55 15.19
C MET B 238 -4.53 2.46 14.51
N ILE B 239 -4.46 2.75 13.18
CA ILE B 239 -3.29 2.63 12.30
C ILE B 239 -2.55 3.95 11.96
N GLY B 240 -3.30 4.96 11.55
CA GLY B 240 -2.82 6.24 11.05
C GLY B 240 -3.40 6.41 9.66
N PRO B 241 -3.92 7.60 9.28
CA PRO B 241 -4.56 7.72 7.96
C PRO B 241 -3.65 8.15 6.79
N THR B 242 -2.34 8.34 7.02
CA THR B 242 -1.44 8.80 5.95
C THR B 242 -0.24 7.85 5.70
N HIS B 243 -0.50 6.52 5.64
CA HIS B 243 0.56 5.55 5.41
C HIS B 243 0.63 5.05 3.96
N GLY B 244 -0.41 5.37 3.17
CA GLY B 244 -0.51 5.02 1.76
C GLY B 244 -0.42 3.54 1.46
N GLN B 245 0.61 3.15 0.67
CA GLN B 245 0.91 1.77 0.26
C GLN B 245 1.28 0.81 1.42
N MET B 246 1.64 1.35 2.60
CA MET B 246 1.98 0.58 3.80
C MET B 246 0.75 0.30 4.69
N THR B 247 -0.45 0.77 4.29
CA THR B 247 -1.69 0.62 5.09
C THR B 247 -2.03 -0.85 5.42
N VAL B 248 -2.06 -1.75 4.41
CA VAL B 248 -2.44 -3.17 4.58
C VAL B 248 -1.47 -3.91 5.51
N THR B 249 -0.15 -3.75 5.36
CA THR B 249 0.76 -4.46 6.25
C THR B 249 0.60 -3.95 7.71
N ARG B 250 0.30 -2.66 7.90
CA ARG B 250 0.04 -2.08 9.23
C ARG B 250 -1.26 -2.65 9.82
N LEU B 251 -2.25 -2.90 8.94
CA LEU B 251 -3.53 -3.51 9.30
C LEU B 251 -3.28 -4.98 9.73
N VAL B 252 -2.54 -5.76 8.90
CA VAL B 252 -2.15 -7.15 9.18
C VAL B 252 -1.45 -7.26 10.55
N ASN B 253 -0.51 -6.33 10.81
CA ASN B 253 0.26 -6.25 12.05
C ASN B 253 -0.66 -6.07 13.27
N THR B 254 -1.61 -5.15 13.19
CA THR B 254 -2.59 -4.87 14.25
C THR B 254 -3.45 -6.11 14.53
N LEU B 255 -3.94 -6.81 13.46
CA LEU B 255 -4.76 -8.03 13.62
C LEU B 255 -3.98 -9.18 14.27
N LYS B 256 -2.69 -9.35 13.87
CA LYS B 256 -1.77 -10.35 14.44
C LYS B 256 -1.60 -10.14 15.96
N GLU B 257 -1.58 -8.86 16.41
CA GLU B 257 -1.45 -8.46 17.81
C GLU B 257 -2.70 -8.72 18.66
N GLY B 258 -3.80 -9.09 18.00
CA GLY B 258 -5.06 -9.39 18.68
C GLY B 258 -6.04 -8.24 18.79
N LYS B 259 -5.69 -7.09 18.15
CA LYS B 259 -6.54 -5.90 18.15
C LYS B 259 -7.70 -6.06 17.20
N ARG B 260 -8.90 -5.73 17.69
CA ARG B 260 -10.15 -5.82 16.95
C ARG B 260 -10.93 -4.53 17.11
N LEU B 261 -11.99 -4.34 16.29
CA LEU B 261 -12.88 -3.18 16.37
C LEU B 261 -13.54 -3.16 17.77
N PRO B 262 -13.72 -1.97 18.39
CA PRO B 262 -14.29 -1.94 19.76
C PRO B 262 -15.78 -2.28 19.81
N CYS B 263 -16.32 -2.48 21.02
CA CYS B 263 -17.74 -2.76 21.18
C CYS B 263 -18.57 -1.54 20.75
N PRO B 264 -19.56 -1.68 19.81
CA PRO B 264 -20.38 -0.52 19.45
C PRO B 264 -21.09 0.08 20.66
N PRO B 265 -21.39 1.40 20.68
CA PRO B 265 -22.11 1.97 21.83
C PRO B 265 -23.49 1.33 21.95
N ASN B 266 -23.90 1.04 23.20
CA ASN B 266 -25.18 0.44 23.55
C ASN B 266 -25.31 -1.03 23.13
N CYS B 267 -24.22 -1.63 22.62
CA CYS B 267 -24.24 -3.03 22.23
C CYS B 267 -23.99 -3.86 23.48
N PRO B 268 -24.90 -4.80 23.86
CA PRO B 268 -24.64 -5.61 25.06
C PRO B 268 -23.46 -6.55 24.83
N ASP B 269 -22.73 -6.88 25.90
CA ASP B 269 -21.55 -7.73 25.80
C ASP B 269 -21.82 -9.08 25.13
N GLU B 270 -22.98 -9.71 25.40
CA GLU B 270 -23.36 -10.99 24.80
C GLU B 270 -23.47 -10.92 23.25
N VAL B 271 -23.84 -9.75 22.71
CA VAL B 271 -23.88 -9.56 21.24
C VAL B 271 -22.42 -9.40 20.76
N TYR B 272 -21.62 -8.57 21.47
CA TYR B 272 -20.21 -8.32 21.15
C TYR B 272 -19.40 -9.60 21.15
N GLN B 273 -19.71 -10.55 22.07
CA GLN B 273 -19.01 -11.85 22.13
C GLN B 273 -19.25 -12.68 20.87
N LEU B 274 -20.50 -12.67 20.31
CA LEU B 274 -20.80 -13.39 19.07
C LEU B 274 -20.01 -12.79 17.89
N MET B 275 -19.88 -11.44 17.89
CA MET B 275 -19.12 -10.65 16.91
C MET B 275 -17.62 -11.03 16.96
N ARG B 276 -17.05 -11.14 18.19
CA ARG B 276 -15.64 -11.51 18.38
C ARG B 276 -15.35 -12.95 17.92
N LYS B 277 -16.37 -13.85 17.96
CA LYS B 277 -16.22 -15.23 17.47
C LYS B 277 -16.02 -15.28 15.94
N CYS B 278 -16.45 -14.20 15.22
CA CYS B 278 -16.25 -14.03 13.77
C CYS B 278 -14.81 -13.62 13.49
N TRP B 279 -14.10 -13.08 14.50
CA TRP B 279 -12.78 -12.50 14.32
C TRP B 279 -11.61 -13.28 14.96
N GLU B 280 -11.75 -14.60 15.06
CA GLU B 280 -10.67 -15.47 15.51
C GLU B 280 -9.62 -15.45 14.37
N PHE B 281 -8.32 -15.19 14.70
CA PHE B 281 -7.26 -15.06 13.69
C PHE B 281 -7.24 -16.19 12.65
N GLN B 282 -7.35 -17.46 13.10
CA GLN B 282 -7.34 -18.65 12.24
C GLN B 282 -8.75 -18.98 11.75
N PRO B 283 -8.93 -19.18 10.42
CA PRO B 283 -10.29 -19.47 9.89
C PRO B 283 -11.01 -20.66 10.52
N SER B 284 -10.27 -21.73 10.84
CA SER B 284 -10.79 -22.96 11.45
C SER B 284 -11.37 -22.75 12.87
N ASN B 285 -10.98 -21.68 13.57
CA ASN B 285 -11.46 -21.38 14.92
C ASN B 285 -12.66 -20.44 14.95
N ARG B 286 -13.05 -19.89 13.78
CA ARG B 286 -14.19 -18.99 13.71
C ARG B 286 -15.51 -19.72 13.83
N THR B 287 -16.54 -19.01 14.28
CA THR B 287 -17.89 -19.55 14.41
C THR B 287 -18.46 -19.81 13.00
N SER B 288 -19.52 -20.61 12.92
CA SER B 288 -20.21 -20.86 11.64
C SER B 288 -21.42 -19.92 11.57
N PHE B 289 -22.03 -19.78 10.36
CA PHE B 289 -23.22 -18.96 10.22
C PHE B 289 -24.38 -19.60 11.01
N GLN B 290 -24.48 -20.95 10.98
CA GLN B 290 -25.54 -21.67 11.72
C GLN B 290 -25.45 -21.42 13.25
N ASN B 291 -24.22 -21.39 13.81
CA ASN B 291 -24.00 -21.10 15.22
C ASN B 291 -24.37 -19.63 15.55
N LEU B 292 -24.07 -18.70 14.62
CA LEU B 292 -24.46 -17.29 14.80
C LEU B 292 -25.98 -17.18 14.84
N ILE B 293 -26.68 -17.87 13.93
CA ILE B 293 -28.15 -17.86 13.85
C ILE B 293 -28.71 -18.32 15.21
N GLU B 294 -28.19 -19.45 15.73
CA GLU B 294 -28.60 -19.98 17.02
C GLU B 294 -28.33 -19.00 18.19
N GLY B 295 -27.16 -18.33 18.17
CA GLY B 295 -26.78 -17.34 19.19
C GLY B 295 -27.73 -16.14 19.21
N PHE B 296 -28.04 -15.59 18.04
CA PHE B 296 -28.97 -14.46 17.94
C PHE B 296 -30.39 -14.87 18.31
N GLU B 297 -30.85 -16.05 17.84
CA GLU B 297 -32.18 -16.57 18.16
C GLU B 297 -32.39 -16.74 19.67
N ALA B 298 -31.35 -17.16 20.40
CA ALA B 298 -31.38 -17.32 21.86
C ALA B 298 -31.59 -15.94 22.53
N LEU B 299 -30.91 -14.90 22.03
CA LEU B 299 -31.02 -13.53 22.52
C LEU B 299 -32.40 -12.92 22.24
N LEU B 300 -33.05 -13.36 21.14
CA LEU B 300 -34.37 -12.89 20.72
C LEU B 300 -35.52 -13.57 21.46
N LYS B 301 -35.31 -14.83 21.92
CA LYS B 301 -36.28 -15.63 22.65
C LYS B 301 -36.27 -15.27 24.13
C1 BFK C . 24.45 16.34 -5.21
C2 BFK C . 25.58 16.71 -5.93
C3 BFK C . 24.66 16.04 -7.89
C7 BFK C . 19.31 15.02 -7.59
C8 BFK C . 18.66 13.97 -6.96
C9 BFK C . 19.18 13.40 -5.80
C10 BFK C . 20.37 13.91 -5.29
C11 BFK C . 18.48 12.26 -5.12
C12 BFK C . 23.83 15.48 -10.22
C13 BFK C . 22.69 14.74 -9.90
C14 BFK C . 21.79 14.33 -10.88
C15 BFK C . 22.02 14.72 -12.20
C16 BFK C . 23.12 15.51 -12.51
C19 BFK C . 20.99 12.29 -9.79
C20 BFK C . 19.73 11.58 -9.33
C21 BFK C . 18.46 12.57 -11.09
C22 BFK C . 19.68 13.29 -11.61
O2 BFK C . 24.37 17.05 -14.18
S BFK C . 23.38 16.00 -14.18
O1 BFK C . 22.11 16.28 -14.77
C18 BFK C . 24.07 14.59 -14.95
N4 BFK C . 20.67 13.52 -10.54
N5 BFK C . 18.84 11.30 -10.47
C23 BFK C . 17.65 10.56 -10.03
C17 BFK C . 24.03 15.88 -11.54
N3 BFK C . 24.75 15.90 -9.25
N BFK C . 25.73 16.56 -7.26
N1 BFK C . 23.47 15.71 -7.32
C4 BFK C . 23.38 15.87 -5.99
C BFK C . 24.35 16.53 -3.72
N2 BFK C . 22.24 15.46 -5.36
C5 BFK C . 21.03 14.98 -5.91
O BFK C . 18.71 11.03 -5.80
C6 BFK C . 20.50 15.51 -7.07
C1 BFK D . -30.49 -3.87 -6.36
C2 BFK D . -31.83 -3.60 -6.08
C3 BFK D . -31.33 -1.62 -5.13
C7 BFK D . -26.25 0.10 -5.99
C8 BFK D . -25.08 -0.37 -5.44
C9 BFK D . -24.94 -1.72 -5.10
C10 BFK D . -26.01 -2.58 -5.34
C11 BFK D . -23.67 -2.22 -4.46
C12 BFK D . -31.16 0.71 -4.11
C13 BFK D . -29.79 0.78 -3.91
C14 BFK D . -29.17 1.97 -3.54
C15 BFK D . -29.96 3.12 -3.38
C16 BFK D . -31.32 3.06 -3.66
C19 BFK D . -27.32 0.99 -2.31
C20 BFK D . -25.81 0.98 -2.21
C21 BFK D . -25.70 3.26 -2.90
C22 BFK D . -27.20 3.34 -3.00
O2 BFK D . -33.53 4.29 -4.24
S BFK D . -32.27 4.54 -3.61
O1 BFK D . -31.46 5.61 -4.12
C18 BFK D . -32.54 4.81 -1.90
N4 BFK D . -27.79 2.01 -3.26
N5 BFK D . -25.30 2.30 -1.86
C23 BFK D . -23.83 2.28 -1.70
C17 BFK D . -31.94 1.86 -4.00
N3 BFK D . -31.79 -0.49 -4.48
N BFK D . -32.27 -2.53 -5.42
N1 BFK D . -30.00 -1.71 -5.37
C4 BFK D . -29.59 -2.85 -5.96
C BFK D . -30.05 -5.15 -7.02
N2 BFK D . -28.26 -3.00 -6.20
C5 BFK D . -27.18 -2.12 -5.93
O BFK D . -23.42 -1.59 -3.21
C6 BFK D . -27.31 -0.77 -6.24
NA NA E . -38.27 -4.75 17.21
#